data_8E8P
#
_entry.id   8E8P
#
_cell.length_a   42.056
_cell.length_b   50.079
_cell.length_c   54.645
_cell.angle_alpha   83.470
_cell.angle_beta   69.760
_cell.angle_gamma   73.680
#
_symmetry.space_group_name_H-M   'P 1'
#
_entity_poly.entity_id   1
_entity_poly.type   'polypeptide(L)'
_entity_poly.pdbx_seq_one_letter_code
;MQAGKPILYSYFRSSCSWRVRIALALKGIDYKTVPINLIKDRGQQFSKDFQALNPMKQVPTLKIDGITIHQSLAIIEYLE
ETRPTPRLLPQDPKKRASVRMISDLIAGGIQPLQNLSVLKQVGEEMQLTWAQNAITCGFNALEQILQSTAGIYCVGDEVT
MADLCLVPQVANAERFKVDLTPYPTISSINKRLLVLEAFQVSHPCRQPDTPTELRA
;
_entity_poly.pdbx_strand_id   A,B
#
# COMPACT_ATOMS: atom_id res chain seq x y z
N LYS A 5 4.45 -21.17 18.18
CA LYS A 5 5.24 -19.95 18.21
C LYS A 5 5.34 -19.34 16.83
N PRO A 6 5.16 -18.03 16.76
CA PRO A 6 5.09 -17.35 15.45
C PRO A 6 6.34 -17.53 14.61
N ILE A 7 6.12 -17.66 13.31
CA ILE A 7 7.20 -17.76 12.33
C ILE A 7 7.06 -16.60 11.34
N LEU A 8 8.18 -15.98 11.00
CA LEU A 8 8.22 -14.92 10.01
C LEU A 8 9.25 -15.24 8.93
N TYR A 9 8.86 -15.03 7.67
CA TYR A 9 9.67 -15.27 6.48
C TYR A 9 10.14 -13.94 5.92
N SER A 10 11.46 -13.73 5.88
CA SER A 10 11.98 -12.39 5.74
C SER A 10 13.35 -12.36 5.07
N TYR A 11 13.77 -11.14 4.77
CA TYR A 11 15.03 -10.84 4.09
C TYR A 11 15.72 -9.73 4.88
N PHE A 12 16.96 -9.98 5.33
CA PHE A 12 17.49 -9.17 6.44
C PHE A 12 17.43 -7.69 6.15
N ARG A 13 17.79 -7.27 4.93
CA ARG A 13 17.71 -5.86 4.58
C ARG A 13 16.53 -5.58 3.67
N SER A 14 15.55 -6.48 3.63
CA SER A 14 14.27 -6.16 3.01
C SER A 14 13.58 -5.10 3.84
N SER A 15 13.30 -3.94 3.23
CA SER A 15 12.67 -2.86 3.99
C SER A 15 11.38 -3.34 4.65
N CYS A 16 10.56 -4.14 3.92
CA CYS A 16 9.22 -4.38 4.43
C CYS A 16 9.19 -5.39 5.55
N SER A 17 10.18 -6.27 5.62
CA SER A 17 10.19 -7.18 6.75
C SER A 17 10.78 -6.57 8.00
N TRP A 18 11.70 -5.60 7.85
CA TRP A 18 12.14 -4.83 9.02
C TRP A 18 10.93 -4.21 9.72
N ARG A 19 9.92 -3.77 8.96
CA ARG A 19 8.72 -3.18 9.57
C ARG A 19 8.07 -4.15 10.53
N VAL A 20 7.88 -5.41 10.11
CA VAL A 20 7.23 -6.42 10.93
C VAL A 20 8.10 -6.73 12.14
N ARG A 21 9.42 -6.76 11.96
CA ARG A 21 10.29 -7.09 13.10
C ARG A 21 10.25 -6.02 14.15
N ILE A 22 10.14 -4.75 13.73
CA ILE A 22 9.96 -3.68 14.70
C ILE A 22 8.63 -3.86 15.43
N ALA A 23 7.56 -4.21 14.71
CA ALA A 23 6.27 -4.36 15.36
C ALA A 23 6.26 -5.54 16.31
N LEU A 24 6.85 -6.67 15.90
CA LEU A 24 7.00 -7.79 16.84
C LEU A 24 7.83 -7.37 18.05
N ALA A 25 8.94 -6.66 17.83
CA ALA A 25 9.75 -6.24 18.99
C ALA A 25 8.94 -5.34 19.92
N LEU A 26 8.14 -4.41 19.35
CA LEU A 26 7.39 -3.47 20.19
C LEU A 26 6.31 -4.17 20.99
N LYS A 27 5.69 -5.19 20.41
CA LYS A 27 4.65 -5.93 21.10
C LYS A 27 5.19 -7.03 22.01
N GLY A 28 6.50 -7.27 21.99
CA GLY A 28 7.04 -8.32 22.88
C GLY A 28 6.59 -9.73 22.53
N ILE A 29 6.48 -10.04 21.24
CA ILE A 29 6.10 -11.37 20.78
C ILE A 29 7.38 -12.09 20.36
N ASP A 30 7.66 -13.22 20.99
CA ASP A 30 8.81 -14.03 20.57
C ASP A 30 8.50 -14.71 19.26
N TYR A 31 9.45 -14.68 18.34
CA TYR A 31 9.15 -15.20 17.01
C TYR A 31 10.39 -15.80 16.39
N LYS A 32 10.18 -16.82 15.59
CA LYS A 32 11.23 -17.47 14.84
C LYS A 32 11.31 -16.83 13.47
N THR A 33 12.52 -16.53 13.02
CA THR A 33 12.72 -16.05 11.66
C THR A 33 13.19 -17.21 10.79
N VAL A 34 12.69 -17.25 9.56
CA VAL A 34 13.10 -18.22 8.57
C VAL A 34 13.65 -17.44 7.38
N PRO A 35 14.94 -17.54 7.12
CA PRO A 35 15.55 -16.74 6.06
C PRO A 35 15.13 -17.19 4.68
N ILE A 36 15.13 -16.22 3.76
CA ILE A 36 14.93 -16.36 2.33
C ILE A 36 15.78 -15.27 1.70
N ASN A 37 16.98 -15.53 1.16
CA ASN A 37 17.72 -14.39 0.59
C ASN A 37 17.36 -14.26 -0.88
N LEU A 38 17.01 -13.03 -1.29
CA LEU A 38 16.19 -12.78 -2.46
C LEU A 38 16.94 -12.36 -3.72
N ILE A 39 18.27 -12.29 -3.72
CA ILE A 39 18.93 -11.91 -4.97
C ILE A 39 20.06 -12.84 -5.39
N LYS A 40 20.50 -13.73 -4.49
CA LYS A 40 21.54 -14.70 -4.84
C LYS A 40 21.08 -15.61 -5.98
N ASP A 41 21.61 -15.40 -7.20
CA ASP A 41 21.22 -16.12 -8.43
C ASP A 41 19.68 -16.21 -8.54
N ARG A 42 19.07 -15.04 -8.63
CA ARG A 42 17.63 -14.75 -8.67
C ARG A 42 16.99 -14.93 -7.30
N GLY A 43 17.78 -15.27 -6.27
CA GLY A 43 17.26 -15.33 -4.92
C GLY A 43 16.21 -16.39 -4.67
N GLN A 44 15.87 -16.60 -3.41
CA GLN A 44 14.84 -17.57 -3.06
C GLN A 44 13.43 -17.00 -3.10
N GLN A 45 13.25 -15.75 -3.56
CA GLN A 45 11.89 -15.32 -3.86
C GLN A 45 11.46 -15.66 -5.29
N PHE A 46 12.39 -15.98 -6.21
CA PHE A 46 12.07 -16.69 -7.45
C PHE A 46 12.24 -18.20 -7.33
N SER A 47 12.67 -18.68 -6.19
CA SER A 47 12.21 -19.99 -5.80
C SER A 47 10.69 -19.98 -5.92
N LYS A 48 10.10 -20.85 -6.74
CA LYS A 48 8.65 -20.95 -6.60
C LYS A 48 8.34 -21.83 -5.45
N ASP A 49 9.24 -21.73 -4.50
CA ASP A 49 9.12 -22.20 -3.14
C ASP A 49 8.40 -21.12 -2.34
N PHE A 50 8.98 -19.91 -2.27
CA PHE A 50 8.37 -18.79 -1.53
C PHE A 50 7.16 -18.14 -2.20
N GLN A 51 6.87 -18.44 -3.47
CA GLN A 51 5.88 -17.70 -4.24
C GLN A 51 4.48 -18.27 -4.21
N ALA A 52 4.13 -19.08 -3.18
CA ALA A 52 2.71 -19.31 -2.91
C ALA A 52 2.37 -19.39 -1.42
N LEU A 53 3.37 -19.38 -0.50
CA LEU A 53 3.12 -18.98 0.87
C LEU A 53 2.66 -17.58 0.79
N ASN A 54 3.41 -16.76 0.07
CA ASN A 54 2.63 -15.62 -0.29
C ASN A 54 2.89 -15.44 -1.78
N PRO A 55 1.83 -15.57 -2.59
CA PRO A 55 1.98 -15.61 -4.05
C PRO A 55 2.64 -14.36 -4.66
N MET A 56 2.70 -13.24 -3.92
CA MET A 56 3.30 -12.00 -4.42
C MET A 56 4.79 -12.07 -4.58
N LYS A 57 5.36 -13.22 -4.30
CA LYS A 57 6.79 -13.48 -4.43
C LYS A 57 7.60 -12.65 -3.47
N GLN A 58 6.98 -12.06 -2.45
CA GLN A 58 7.79 -11.17 -1.64
C GLN A 58 7.33 -11.00 -0.21
N VAL A 59 8.15 -10.23 0.47
CA VAL A 59 8.38 -10.12 1.90
C VAL A 59 7.33 -9.19 2.49
N PRO A 60 6.87 -9.43 3.71
CA PRO A 60 7.02 -10.62 4.55
C PRO A 60 5.76 -11.43 4.67
N THR A 61 5.90 -12.56 5.33
CA THR A 61 4.81 -13.40 5.75
C THR A 61 4.96 -13.75 7.22
N LEU A 62 3.86 -13.74 7.95
CA LEU A 62 3.89 -14.15 9.36
C LEU A 62 2.88 -15.27 9.55
N LYS A 63 3.37 -16.45 9.97
CA LYS A 63 2.50 -17.46 10.55
C LYS A 63 2.31 -17.17 12.03
N ILE A 64 1.05 -17.06 12.45
CA ILE A 64 0.71 -16.71 13.82
C ILE A 64 -0.74 -17.15 14.01
N ASP A 65 -1.08 -17.56 15.24
CA ASP A 65 -2.44 -17.94 15.63
C ASP A 65 -3.10 -18.92 14.65
N GLY A 66 -2.31 -19.76 13.98
CA GLY A 66 -2.87 -20.75 13.10
C GLY A 66 -3.29 -20.25 11.72
N ILE A 67 -2.78 -19.09 11.31
CA ILE A 67 -3.03 -18.54 10.00
C ILE A 67 -1.72 -18.02 9.43
N THR A 68 -1.75 -17.68 8.15
CA THR A 68 -0.60 -17.07 7.50
C THR A 68 -1.04 -15.72 6.95
N ILE A 69 -0.30 -14.67 7.29
CA ILE A 69 -0.63 -13.32 6.84
C ILE A 69 0.53 -12.79 6.03
N HIS A 70 0.23 -12.32 4.84
CA HIS A 70 1.12 -11.60 3.96
C HIS A 70 0.93 -10.10 4.09
N GLN A 71 1.87 -9.35 3.52
CA GLN A 71 1.85 -7.88 3.47
C GLN A 71 2.20 -7.27 4.82
N SER A 72 3.32 -6.55 4.89
CA SER A 72 3.78 -5.96 6.16
C SER A 72 2.64 -5.24 6.87
N LEU A 73 1.95 -4.36 6.15
CA LEU A 73 0.97 -3.51 6.80
C LEU A 73 -0.22 -4.31 7.29
N ALA A 74 -0.63 -5.35 6.57
CA ALA A 74 -1.69 -6.21 7.08
C ALA A 74 -1.22 -6.98 8.30
N ILE A 75 0.03 -7.41 8.31
CA ILE A 75 0.52 -8.09 9.51
C ILE A 75 0.55 -7.13 10.69
N ILE A 76 1.08 -5.93 10.48
CA ILE A 76 1.18 -4.99 11.60
C ILE A 76 -0.19 -4.69 12.18
N GLU A 77 -1.21 -4.51 11.32
CA GLU A 77 -2.52 -4.22 11.85
C GLU A 77 -3.12 -5.43 12.57
N TYR A 78 -2.82 -6.64 12.08
CA TYR A 78 -3.18 -7.86 12.82
C TYR A 78 -2.58 -7.88 14.21
N LEU A 79 -1.28 -7.61 14.31
CA LEU A 79 -0.64 -7.56 15.63
C LEU A 79 -1.26 -6.47 16.50
N GLU A 80 -1.60 -5.32 15.90
CA GLU A 80 -2.21 -4.25 16.67
C GLU A 80 -3.56 -4.66 17.21
N GLU A 81 -4.33 -5.42 16.40
CA GLU A 81 -5.69 -5.77 16.79
C GLU A 81 -5.72 -6.86 17.85
N THR A 82 -4.72 -7.74 17.85
CA THR A 82 -4.70 -8.92 18.71
C THR A 82 -3.73 -8.83 19.89
N ARG A 83 -2.74 -7.94 19.84
CA ARG A 83 -1.88 -7.65 20.99
C ARG A 83 -1.89 -6.14 21.14
N PRO A 84 -2.86 -5.59 21.88
CA PRO A 84 -3.04 -4.13 21.90
C PRO A 84 -1.86 -3.33 22.46
N THR A 85 -1.18 -3.84 23.49
CA THR A 85 -0.22 -3.03 24.26
C THR A 85 1.22 -3.39 23.92
N PRO A 86 2.09 -2.40 23.62
CA PRO A 86 1.77 -0.97 23.46
C PRO A 86 1.13 -0.64 22.10
N ARG A 87 0.19 0.31 22.10
CA ARG A 87 -0.53 0.72 20.90
C ARG A 87 0.43 1.15 19.79
N LEU A 88 0.23 0.61 18.59
CA LEU A 88 0.91 1.13 17.40
C LEU A 88 0.03 2.07 16.58
N LEU A 89 -1.23 2.24 16.95
CA LEU A 89 -2.09 3.23 16.32
C LEU A 89 -2.76 4.06 17.41
N PRO A 90 -2.84 5.37 17.22
CA PRO A 90 -3.55 6.22 18.19
C PRO A 90 -5.03 5.87 18.20
N GLN A 91 -5.73 6.35 19.21
CA GLN A 91 -7.13 5.99 19.31
C GLN A 91 -8.02 6.91 18.49
N ASP A 92 -7.63 8.17 18.36
CA ASP A 92 -8.42 9.15 17.61
C ASP A 92 -8.44 8.77 16.13
N PRO A 93 -9.62 8.54 15.54
CA PRO A 93 -9.65 8.16 14.12
C PRO A 93 -8.94 9.14 13.21
N LYS A 94 -9.01 10.43 13.53
CA LYS A 94 -8.36 11.40 12.66
C LYS A 94 -6.85 11.22 12.66
N LYS A 95 -6.27 10.86 13.80
CA LYS A 95 -4.83 10.67 13.81
C LYS A 95 -4.46 9.29 13.28
N ARG A 96 -5.32 8.30 13.48
CA ARG A 96 -5.12 7.01 12.81
C ARG A 96 -5.03 7.17 11.31
N ALA A 97 -5.75 8.14 10.74
CA ALA A 97 -5.69 8.35 9.29
C ALA A 97 -4.37 8.95 8.87
N SER A 98 -3.79 9.81 9.71
CA SER A 98 -2.44 10.31 9.43
C SER A 98 -1.42 9.18 9.44
N VAL A 99 -1.56 8.27 10.40
CA VAL A 99 -0.69 7.10 10.44
C VAL A 99 -0.77 6.31 9.14
N ARG A 100 -2.01 5.96 8.72
CA ARG A 100 -2.22 5.11 7.54
C ARG A 100 -1.85 5.83 6.26
N MET A 101 -2.16 7.12 6.19
CA MET A 101 -1.76 7.95 5.06
C MET A 101 -0.25 7.90 4.84
N ILE A 102 0.51 8.14 5.91
CA ILE A 102 1.97 8.12 5.87
C ILE A 102 2.48 6.73 5.54
N SER A 103 1.97 5.71 6.23
CA SER A 103 2.49 4.37 5.95
C SER A 103 2.17 3.93 4.54
N ASP A 104 0.98 4.30 4.03
CA ASP A 104 0.63 3.94 2.65
C ASP A 104 1.53 4.67 1.66
N LEU A 105 1.84 5.94 1.95
CA LEU A 105 2.72 6.69 1.08
C LEU A 105 4.08 6.02 0.97
N ILE A 106 4.65 5.60 2.11
CA ILE A 106 5.91 4.86 2.09
C ILE A 106 5.70 3.48 1.47
N ALA A 107 4.72 2.72 1.97
CA ALA A 107 4.61 1.32 1.56
C ALA A 107 4.14 1.17 0.12
N GLY A 108 3.18 2.01 -0.29
CA GLY A 108 2.64 1.91 -1.63
C GLY A 108 3.08 3.02 -2.56
N GLY A 109 3.51 4.16 -2.02
CA GLY A 109 3.84 5.27 -2.90
C GLY A 109 5.32 5.45 -3.17
N ILE A 110 6.18 5.02 -2.24
CA ILE A 110 7.64 5.17 -2.38
C ILE A 110 8.31 3.82 -2.60
N GLN A 111 8.07 2.87 -1.72
CA GLN A 111 8.80 1.61 -1.80
C GLN A 111 8.61 0.89 -3.11
N PRO A 112 7.42 0.83 -3.71
CA PRO A 112 7.31 0.10 -5.00
C PRO A 112 8.16 0.72 -6.09
N LEU A 113 8.29 2.05 -6.08
CA LEU A 113 9.09 2.76 -7.07
C LEU A 113 10.59 2.54 -6.90
N GLN A 114 11.03 1.89 -5.81
CA GLN A 114 12.46 1.64 -5.63
C GLN A 114 12.77 0.19 -5.33
N ASN A 115 11.82 -0.73 -5.51
CA ASN A 115 12.10 -2.12 -5.12
C ASN A 115 13.16 -2.67 -6.06
N LEU A 116 13.88 -3.70 -5.60
CA LEU A 116 15.12 -4.02 -6.33
C LEU A 116 14.89 -4.73 -7.66
N SER A 117 14.13 -5.82 -7.68
CA SER A 117 14.03 -6.33 -9.05
C SER A 117 13.01 -5.55 -9.86
N VAL A 118 12.32 -4.57 -9.26
CA VAL A 118 11.85 -3.45 -10.07
C VAL A 118 13.03 -2.98 -10.91
N LEU A 119 14.19 -2.85 -10.28
CA LEU A 119 15.30 -2.23 -10.98
C LEU A 119 16.31 -3.25 -11.55
N LYS A 120 16.10 -4.56 -11.41
CA LYS A 120 16.76 -5.45 -12.36
C LYS A 120 16.18 -5.24 -13.75
N GLN A 121 14.86 -5.10 -13.85
CA GLN A 121 14.23 -4.85 -15.14
C GLN A 121 14.38 -3.41 -15.67
N VAL A 122 14.79 -2.43 -14.84
CA VAL A 122 15.05 -1.08 -15.38
C VAL A 122 16.11 -1.12 -16.47
N GLY A 123 17.19 -1.84 -16.24
CA GLY A 123 18.48 -1.68 -16.91
C GLY A 123 19.43 -1.04 -15.92
N GLU A 124 20.51 -1.75 -15.59
CA GLU A 124 21.43 -1.40 -14.52
C GLU A 124 21.77 0.08 -14.47
N GLU A 125 21.97 0.67 -15.65
CA GLU A 125 22.41 2.06 -15.72
C GLU A 125 21.41 3.00 -15.07
N MET A 126 20.10 2.74 -15.26
CA MET A 126 19.05 3.59 -14.74
C MET A 126 18.48 3.09 -13.41
N GLN A 127 19.03 2.01 -12.84
CA GLN A 127 18.62 1.54 -11.52
C GLN A 127 18.58 2.67 -10.51
N LEU A 128 19.73 3.32 -10.28
CA LEU A 128 19.82 4.23 -9.16
C LEU A 128 19.10 5.55 -9.38
N THR A 129 19.20 6.11 -10.59
CA THR A 129 18.62 7.44 -10.77
C THR A 129 17.11 7.39 -10.72
N TRP A 130 16.51 6.25 -11.05
CA TRP A 130 15.07 6.13 -10.82
C TRP A 130 14.73 5.92 -9.35
N ALA A 131 15.49 5.12 -8.61
CA ALA A 131 15.19 5.00 -7.18
C ALA A 131 15.41 6.34 -6.46
N GLN A 132 16.45 7.08 -6.84
CA GLN A 132 16.71 8.39 -6.23
C GLN A 132 15.57 9.37 -6.48
N ASN A 133 15.09 9.45 -7.72
CA ASN A 133 13.97 10.35 -7.98
C ASN A 133 12.74 9.90 -7.22
N ALA A 134 12.50 8.59 -7.14
CA ALA A 134 11.35 8.08 -6.43
C ALA A 134 11.39 8.46 -4.96
N ILE A 135 12.53 8.25 -4.29
CA ILE A 135 12.64 8.58 -2.87
C ILE A 135 12.61 10.10 -2.67
N THR A 136 13.24 10.86 -3.56
CA THR A 136 13.22 12.31 -3.39
C THR A 136 11.82 12.88 -3.60
N CYS A 137 11.08 12.41 -4.61
CA CYS A 137 9.73 12.92 -4.79
C CYS A 137 8.83 12.46 -3.65
N GLY A 138 9.10 11.27 -3.11
CA GLY A 138 8.34 10.83 -1.96
C GLY A 138 8.71 11.60 -0.71
N PHE A 139 10.02 11.72 -0.44
CA PHE A 139 10.44 12.46 0.75
C PHE A 139 10.06 13.93 0.63
N ASN A 140 10.05 14.48 -0.59
CA ASN A 140 9.47 15.80 -0.78
C ASN A 140 8.03 15.83 -0.30
N ALA A 141 7.26 14.80 -0.63
CA ALA A 141 5.88 14.71 -0.19
C ALA A 141 5.80 14.46 1.31
N LEU A 142 6.57 13.51 1.81
CA LEU A 142 6.47 13.07 3.21
C LEU A 142 6.85 14.19 4.19
N GLU A 143 7.96 14.88 3.94
CA GLU A 143 8.37 15.91 4.89
C GLU A 143 7.25 16.90 5.07
N GLN A 144 6.58 17.17 3.97
CA GLN A 144 5.51 18.12 3.99
C GLN A 144 4.39 17.70 4.87
N ILE A 145 4.04 16.42 4.84
CA ILE A 145 3.03 15.90 5.72
C ILE A 145 3.51 15.96 7.17
N LEU A 146 4.69 15.37 7.46
CA LEU A 146 5.19 15.31 8.81
C LEU A 146 5.30 16.69 9.44
N GLN A 147 5.50 17.72 8.64
CA GLN A 147 5.67 19.00 9.32
C GLN A 147 4.37 19.46 9.99
N SER A 148 3.20 18.86 9.65
CA SER A 148 2.03 19.10 10.50
C SER A 148 1.61 17.92 11.36
N THR A 149 1.82 16.67 10.92
CA THR A 149 1.42 15.57 11.81
C THR A 149 2.48 15.26 12.86
N ALA A 150 3.75 15.50 12.57
CA ALA A 150 4.80 15.01 13.45
C ALA A 150 4.84 15.74 14.78
N GLY A 151 5.25 15.04 15.81
CA GLY A 151 5.69 15.67 17.03
C GLY A 151 7.08 15.16 17.32
N ILE A 152 7.22 14.41 18.42
CA ILE A 152 8.48 13.70 18.63
C ILE A 152 8.69 12.68 17.51
N TYR A 153 7.63 12.01 17.11
CA TYR A 153 7.63 10.97 16.10
C TYR A 153 6.68 11.35 14.97
N CYS A 154 6.50 10.44 14.01
CA CYS A 154 5.83 10.78 12.75
C CYS A 154 4.45 11.36 12.97
N VAL A 155 3.73 10.84 13.96
CA VAL A 155 2.41 11.35 14.31
C VAL A 155 2.39 11.55 15.81
N GLY A 156 2.51 12.80 16.25
CA GLY A 156 2.42 13.03 17.66
C GLY A 156 3.68 12.56 18.40
N ASP A 157 3.48 12.24 19.66
CA ASP A 157 4.57 11.94 20.58
C ASP A 157 4.60 10.46 20.94
N GLU A 158 3.91 9.60 20.17
CA GLU A 158 4.03 8.16 20.33
C GLU A 158 4.45 7.53 19.02
N VAL A 159 5.30 6.51 19.14
CA VAL A 159 5.69 5.69 18.00
C VAL A 159 4.46 5.03 17.43
N THR A 160 4.31 5.06 16.11
CA THR A 160 3.14 4.43 15.47
C THR A 160 3.60 3.61 14.29
N MET A 161 2.63 2.98 13.61
CA MET A 161 2.93 2.20 12.40
C MET A 161 3.70 3.03 11.39
N ALA A 162 3.48 4.34 11.38
CA ALA A 162 4.17 5.22 10.44
C ALA A 162 5.67 5.22 10.66
N ASP A 163 6.11 5.24 11.92
CA ASP A 163 7.55 5.21 12.19
C ASP A 163 8.19 3.89 11.74
N LEU A 164 7.44 2.77 11.84
CA LEU A 164 7.99 1.49 11.41
C LEU A 164 8.25 1.49 9.92
N CYS A 165 7.53 2.33 9.17
CA CYS A 165 7.80 2.42 7.75
C CYS A 165 8.82 3.49 7.45
N LEU A 166 8.93 4.49 8.33
CA LEU A 166 9.94 5.53 8.14
C LEU A 166 11.35 4.95 8.21
N VAL A 167 11.69 4.27 9.30
CA VAL A 167 13.09 3.88 9.49
C VAL A 167 13.61 3.05 8.32
N PRO A 168 12.95 1.96 7.89
CA PRO A 168 13.51 1.21 6.75
C PRO A 168 13.54 2.02 5.47
N GLN A 169 12.61 2.95 5.28
CA GLN A 169 12.70 3.71 4.04
C GLN A 169 13.88 4.66 4.08
N VAL A 170 14.12 5.32 5.21
CA VAL A 170 15.29 6.20 5.32
C VAL A 170 16.57 5.41 5.16
N ALA A 171 16.61 4.16 5.67
CA ALA A 171 17.79 3.33 5.46
C ALA A 171 18.08 3.14 3.97
N ASN A 172 17.04 2.94 3.17
CA ASN A 172 17.24 2.79 1.73
C ASN A 172 17.78 4.07 1.09
N ALA A 173 17.18 5.22 1.43
CA ALA A 173 17.64 6.48 0.84
C ALA A 173 19.14 6.66 1.07
N GLU A 174 19.62 6.34 2.27
CA GLU A 174 21.06 6.43 2.53
C GLU A 174 21.81 5.42 1.68
N ARG A 175 21.32 4.18 1.58
CA ARG A 175 21.97 3.21 0.71
C ARG A 175 22.07 3.74 -0.72
N PHE A 176 20.99 4.34 -1.21
CA PHE A 176 21.02 4.94 -2.54
C PHE A 176 21.72 6.29 -2.55
N LYS A 177 22.40 6.66 -1.46
CA LYS A 177 23.09 7.93 -1.33
C LYS A 177 22.19 9.11 -1.72
N VAL A 178 20.96 9.08 -1.23
CA VAL A 178 20.02 10.18 -1.43
C VAL A 178 20.24 11.17 -0.30
N ASP A 179 20.37 12.45 -0.64
CA ASP A 179 20.77 13.48 0.31
C ASP A 179 19.55 13.90 1.14
N LEU A 180 19.59 13.60 2.44
CA LEU A 180 18.52 13.97 3.35
C LEU A 180 18.64 15.40 3.84
N THR A 181 19.63 16.15 3.35
CA THR A 181 19.75 17.57 3.66
C THR A 181 18.42 18.32 3.54
N PRO A 182 17.65 18.19 2.43
CA PRO A 182 16.39 18.93 2.35
C PRO A 182 15.32 18.47 3.32
N TYR A 183 15.50 17.36 4.04
CA TYR A 183 14.43 16.71 4.82
C TYR A 183 14.75 16.68 6.32
N PRO A 184 14.61 17.82 7.01
CA PRO A 184 15.00 17.86 8.42
C PRO A 184 14.04 17.16 9.36
N THR A 185 12.73 17.19 9.10
CA THR A 185 11.80 16.49 9.98
C THR A 185 11.95 14.99 9.87
N ILE A 186 12.20 14.49 8.65
CA ILE A 186 12.43 13.06 8.46
C ILE A 186 13.72 12.65 9.18
N SER A 187 14.78 13.40 8.94
CA SER A 187 16.07 13.10 9.56
C SER A 187 15.97 13.08 11.09
N SER A 188 15.41 14.15 11.67
CA SER A 188 15.26 14.22 13.13
C SER A 188 14.44 13.07 13.69
N ILE A 189 13.28 12.78 13.08
CA ILE A 189 12.45 11.69 13.59
C ILE A 189 13.20 10.38 13.51
N ASN A 190 13.98 10.20 12.45
CA ASN A 190 14.74 8.96 12.23
C ASN A 190 15.79 8.75 13.31
N LYS A 191 16.50 9.81 13.70
CA LYS A 191 17.47 9.70 14.78
C LYS A 191 16.79 9.34 16.09
N ARG A 192 15.64 9.96 16.40
CA ARG A 192 15.00 9.68 17.69
C ARG A 192 14.52 8.25 17.77
N LEU A 193 14.15 7.64 16.66
CA LEU A 193 13.68 6.27 16.69
C LEU A 193 14.82 5.27 16.71
N LEU A 194 15.93 5.58 16.04
CA LEU A 194 17.03 4.63 15.98
C LEU A 194 17.71 4.42 17.33
N VAL A 195 17.46 5.31 18.30
CA VAL A 195 17.96 5.11 19.66
C VAL A 195 17.01 4.26 20.49
N LEU A 196 15.85 3.87 19.93
CA LEU A 196 14.90 3.02 20.66
C LEU A 196 15.28 1.56 20.50
N GLU A 197 14.96 0.75 21.52
CA GLU A 197 15.42 -0.64 21.54
C GLU A 197 14.85 -1.43 20.36
N ALA A 198 13.56 -1.25 20.07
CA ALA A 198 12.87 -2.07 19.09
C ALA A 198 13.32 -1.79 17.66
N PHE A 199 13.88 -0.62 17.39
CA PHE A 199 14.46 -0.32 16.08
C PHE A 199 15.91 -0.79 15.99
N GLN A 200 16.45 -1.29 17.09
CA GLN A 200 17.82 -1.82 17.12
C GLN A 200 17.83 -3.35 17.08
N VAL A 201 17.11 -4.00 17.99
CA VAL A 201 17.09 -5.45 18.03
C VAL A 201 16.49 -6.05 16.76
N SER A 202 15.83 -5.23 15.93
CA SER A 202 15.28 -5.67 14.65
C SER A 202 16.14 -5.27 13.46
N HIS A 203 17.13 -4.39 13.67
CA HIS A 203 17.88 -3.76 12.59
C HIS A 203 18.48 -4.80 11.63
N PRO A 204 18.60 -4.47 10.34
CA PRO A 204 19.34 -5.34 9.41
C PRO A 204 20.75 -5.61 9.89
N CYS A 205 21.32 -4.70 10.67
CA CYS A 205 22.55 -4.96 11.39
C CYS A 205 22.31 -5.71 12.68
N ARG A 206 21.18 -6.45 12.77
CA ARG A 206 20.90 -7.33 13.92
C ARG A 206 19.97 -8.48 13.58
N GLN A 207 20.01 -9.04 12.37
CA GLN A 207 18.95 -10.01 12.10
C GLN A 207 19.43 -11.31 11.42
N PRO A 208 18.52 -12.22 10.92
CA PRO A 208 18.95 -13.58 10.58
C PRO A 208 19.54 -13.84 9.20
N ASP A 209 18.86 -13.46 8.13
CA ASP A 209 19.29 -13.90 6.81
C ASP A 209 20.61 -13.25 6.38
N THR A 210 21.79 -13.73 6.84
CA THR A 210 22.90 -12.81 7.11
C THR A 210 24.31 -13.39 7.18
N PRO A 211 25.04 -13.57 6.11
CA PRO A 211 26.42 -14.09 6.43
C PRO A 211 27.53 -13.15 6.95
N THR A 212 28.77 -13.65 7.04
CA THR A 212 29.94 -12.85 7.43
C THR A 212 30.39 -11.93 6.31
N LYS B 5 -19.87 19.79 3.79
CA LYS B 5 -20.10 18.58 3.01
C LYS B 5 -18.78 18.10 2.42
N PRO B 6 -18.58 16.77 2.47
CA PRO B 6 -17.29 16.21 2.03
C PRO B 6 -16.96 16.56 0.59
N ILE B 7 -15.68 16.82 0.35
CA ILE B 7 -15.17 17.09 -0.99
C ILE B 7 -14.16 16.01 -1.33
N LEU B 8 -14.24 15.47 -2.55
CA LEU B 8 -13.27 14.49 -3.02
C LEU B 8 -12.68 14.89 -4.36
N TYR B 9 -11.37 14.68 -4.51
CA TYR B 9 -10.61 15.00 -5.72
C TYR B 9 -10.30 13.72 -6.51
N SER B 10 -10.75 13.67 -7.78
CA SER B 10 -10.86 12.43 -8.55
C SER B 10 -10.64 12.68 -10.03
N TYR B 11 -10.46 11.57 -10.76
CA TYR B 11 -10.14 11.54 -12.18
C TYR B 11 -10.84 10.36 -12.83
N PHE B 12 -11.45 10.60 -13.98
CA PHE B 12 -12.51 9.72 -14.44
C PHE B 12 -12.18 8.23 -14.35
N ARG B 13 -11.00 7.85 -14.84
CA ARG B 13 -10.53 6.48 -14.86
C ARG B 13 -9.47 6.26 -13.81
N SER B 14 -9.32 7.17 -12.85
CA SER B 14 -8.38 6.96 -11.74
C SER B 14 -8.85 5.81 -10.86
N SER B 15 -8.09 4.71 -10.87
CA SER B 15 -8.48 3.53 -10.10
C SER B 15 -8.60 3.83 -8.60
N CYS B 16 -7.65 4.60 -8.02
CA CYS B 16 -7.69 4.69 -6.56
C CYS B 16 -8.79 5.61 -6.08
N SER B 17 -9.26 6.52 -6.93
CA SER B 17 -10.41 7.30 -6.52
C SER B 17 -11.71 6.53 -6.74
N TRP B 18 -11.75 5.64 -7.72
CA TRP B 18 -12.90 4.76 -7.83
C TRP B 18 -13.10 3.97 -6.53
N ARG B 19 -12.00 3.52 -5.90
CA ARG B 19 -12.10 2.83 -4.61
C ARG B 19 -12.82 3.69 -3.57
N VAL B 20 -12.43 4.96 -3.43
CA VAL B 20 -13.04 5.82 -2.42
C VAL B 20 -14.50 6.09 -2.76
N ARG B 21 -14.81 6.27 -4.04
CA ARG B 21 -16.20 6.56 -4.38
C ARG B 21 -17.11 5.37 -4.11
N ILE B 22 -16.58 4.14 -4.28
CA ILE B 22 -17.39 2.97 -3.92
C ILE B 22 -17.67 2.96 -2.42
N ALA B 23 -16.67 3.30 -1.60
CA ALA B 23 -16.89 3.29 -0.14
C ALA B 23 -17.84 4.40 0.29
N LEU B 24 -17.76 5.58 -0.31
CA LEU B 24 -18.76 6.60 0.00
C LEU B 24 -20.16 6.12 -0.37
N ALA B 25 -20.32 5.53 -1.56
CA ALA B 25 -21.64 5.05 -1.95
C ALA B 25 -22.14 3.98 -0.98
N LEU B 26 -21.26 3.06 -0.55
CA LEU B 26 -21.69 2.01 0.37
C LEU B 26 -22.04 2.58 1.74
N LYS B 27 -21.34 3.63 2.17
CA LYS B 27 -21.61 4.24 3.47
C LYS B 27 -22.76 5.24 3.42
N GLY B 28 -23.32 5.52 2.25
CA GLY B 28 -24.42 6.47 2.17
C GLY B 28 -24.00 7.89 2.50
N ILE B 29 -22.80 8.27 2.11
CA ILE B 29 -22.29 9.62 2.34
C ILE B 29 -22.38 10.37 1.02
N ASP B 30 -23.22 11.40 0.99
CA ASP B 30 -23.29 12.24 -0.19
C ASP B 30 -22.10 13.18 -0.17
N TYR B 31 -21.49 13.34 -1.34
CA TYR B 31 -20.21 14.04 -1.39
C TYR B 31 -20.09 14.77 -2.72
N LYS B 32 -19.38 15.87 -2.68
CA LYS B 32 -19.08 16.67 -3.86
C LYS B 32 -17.76 16.18 -4.43
N THR B 33 -17.71 15.96 -5.73
CA THR B 33 -16.45 15.65 -6.38
C THR B 33 -15.91 16.90 -7.05
N VAL B 34 -14.59 17.05 -6.99
CA VAL B 34 -13.91 18.13 -7.68
C VAL B 34 -12.91 17.47 -8.61
N PRO B 35 -13.09 17.63 -9.92
CA PRO B 35 -12.18 16.99 -10.87
C PRO B 35 -10.79 17.62 -10.83
N ILE B 36 -9.79 16.81 -11.15
CA ILE B 36 -8.41 17.23 -11.39
C ILE B 36 -7.88 16.28 -12.46
N ASN B 37 -7.82 16.73 -13.72
CA ASN B 37 -7.49 15.79 -14.81
C ASN B 37 -5.98 15.72 -15.02
N LEU B 38 -5.45 14.51 -14.95
CA LEU B 38 -4.05 14.31 -14.66
C LEU B 38 -3.19 14.08 -15.90
N ILE B 39 -3.75 14.23 -17.10
CA ILE B 39 -2.98 14.08 -18.34
C ILE B 39 -3.15 15.28 -19.27
N LYS B 40 -4.22 16.07 -19.11
CA LYS B 40 -4.47 17.28 -19.89
C LYS B 40 -3.42 18.36 -19.59
N ASP B 41 -2.60 18.70 -20.59
CA ASP B 41 -1.52 19.70 -20.45
C ASP B 41 -0.56 19.37 -19.32
N ARG B 42 0.10 18.20 -19.43
CA ARG B 42 0.94 17.59 -18.41
C ARG B 42 0.03 17.14 -17.29
N GLY B 43 -1.26 17.31 -17.47
CA GLY B 43 -2.25 16.96 -16.51
C GLY B 43 -2.23 17.83 -15.28
N GLN B 44 -3.31 17.64 -14.55
CA GLN B 44 -3.54 18.29 -13.27
C GLN B 44 -2.83 17.54 -12.16
N GLN B 45 -2.07 16.48 -12.48
CA GLN B 45 -1.19 15.87 -11.50
C GLN B 45 0.16 16.55 -11.39
N PHE B 46 0.57 17.33 -12.38
CA PHE B 46 1.84 18.02 -12.29
C PHE B 46 1.68 19.50 -12.07
N SER B 47 0.45 20.00 -12.16
CA SER B 47 0.04 21.20 -11.47
C SER B 47 0.63 21.17 -10.07
N LYS B 48 1.56 22.09 -9.75
CA LYS B 48 1.91 22.16 -8.33
C LYS B 48 0.78 22.86 -7.57
N ASP B 49 -0.42 22.70 -8.12
CA ASP B 49 -1.68 22.88 -7.43
C ASP B 49 -2.00 21.57 -6.71
N PHE B 50 -2.13 20.47 -7.47
CA PHE B 50 -2.43 19.12 -6.98
C PHE B 50 -1.29 18.47 -6.16
N GLN B 51 -0.09 19.07 -6.11
CA GLN B 51 1.10 18.47 -5.51
C GLN B 51 1.34 18.90 -4.07
N ALA B 52 0.37 19.59 -3.47
CA ALA B 52 0.25 19.69 -2.02
C ALA B 52 -1.22 19.52 -1.70
N LEU B 53 -2.03 19.23 -2.72
CA LEU B 53 -3.37 18.68 -2.55
C LEU B 53 -3.23 17.44 -1.74
N ASN B 54 -2.51 16.53 -2.36
CA ASN B 54 -2.04 15.27 -1.84
C ASN B 54 -0.59 15.40 -2.24
N PRO B 55 0.35 15.41 -1.29
CA PRO B 55 1.74 15.71 -1.67
C PRO B 55 2.38 14.69 -2.60
N MET B 56 1.93 13.43 -2.58
CA MET B 56 2.53 12.48 -3.52
C MET B 56 2.00 12.61 -4.94
N LYS B 57 1.29 13.69 -5.27
CA LYS B 57 0.89 14.00 -6.64
C LYS B 57 -0.14 13.03 -7.20
N GLN B 58 -0.97 12.43 -6.36
CA GLN B 58 -1.89 11.45 -6.92
C GLN B 58 -3.20 11.39 -6.15
N VAL B 59 -4.10 10.61 -6.72
CA VAL B 59 -5.48 10.39 -6.35
C VAL B 59 -5.62 9.37 -5.23
N PRO B 60 -6.58 9.54 -4.32
CA PRO B 60 -7.41 10.71 -4.03
C PRO B 60 -7.08 11.42 -2.70
N THR B 61 -7.77 12.53 -2.46
CA THR B 61 -7.80 13.24 -1.19
C THR B 61 -9.24 13.46 -0.79
N LEU B 62 -9.57 13.24 0.47
CA LEU B 62 -10.94 13.45 0.92
C LEU B 62 -10.94 14.48 2.03
N LYS B 63 -11.64 15.59 1.77
CA LYS B 63 -11.97 16.57 2.78
C LYS B 63 -13.23 16.15 3.51
N ILE B 64 -13.13 15.97 4.83
CA ILE B 64 -14.23 15.45 5.62
C ILE B 64 -13.92 15.76 7.07
N ASP B 65 -14.96 16.05 7.84
CA ASP B 65 -14.85 16.33 9.29
C ASP B 65 -13.78 17.36 9.62
N GLY B 66 -13.49 18.27 8.69
CA GLY B 66 -12.53 19.31 8.98
C GLY B 66 -11.08 18.89 8.88
N ILE B 67 -10.80 17.77 8.22
CA ILE B 67 -9.43 17.33 8.00
C ILE B 67 -9.25 16.93 6.55
N THR B 68 -7.99 16.67 6.22
CA THR B 68 -7.54 16.25 4.89
C THR B 68 -6.99 14.84 5.00
N ILE B 69 -7.48 13.92 4.17
CA ILE B 69 -6.94 12.57 4.15
C ILE B 69 -6.53 12.21 2.74
N HIS B 70 -5.26 11.86 2.55
CA HIS B 70 -4.77 11.29 1.31
C HIS B 70 -4.67 9.76 1.44
N GLN B 71 -4.45 9.09 0.31
CA GLN B 71 -4.27 7.64 0.21
C GLN B 71 -5.62 6.93 0.34
N SER B 72 -6.06 6.30 -0.76
CA SER B 72 -7.37 5.67 -0.84
C SER B 72 -7.66 4.81 0.37
N LEU B 73 -6.73 3.88 0.70
CA LEU B 73 -6.97 2.91 1.76
C LEU B 73 -7.01 3.57 3.13
N ALA B 74 -6.21 4.62 3.32
CA ALA B 74 -6.33 5.41 4.54
C ALA B 74 -7.65 6.16 4.58
N ILE B 75 -8.12 6.65 3.43
CA ILE B 75 -9.44 7.27 3.44
C ILE B 75 -10.51 6.24 3.74
N ILE B 76 -10.44 5.06 3.10
CA ILE B 76 -11.46 4.04 3.32
C ILE B 76 -11.52 3.63 4.77
N GLU B 77 -10.36 3.39 5.41
CA GLU B 77 -10.40 2.94 6.80
C GLU B 77 -10.94 4.03 7.73
N TYR B 78 -10.66 5.31 7.44
CA TYR B 78 -11.30 6.39 8.18
C TYR B 78 -12.82 6.31 8.07
N LEU B 79 -13.32 6.15 6.85
CA LEU B 79 -14.76 6.03 6.64
C LEU B 79 -15.34 4.84 7.40
N GLU B 80 -14.59 3.71 7.44
CA GLU B 80 -15.06 2.53 8.17
C GLU B 80 -15.16 2.80 9.66
N GLU B 81 -14.19 3.54 10.21
CA GLU B 81 -14.18 3.75 11.66
C GLU B 81 -15.24 4.76 12.09
N THR B 82 -15.58 5.72 11.21
CA THR B 82 -16.49 6.80 11.57
C THR B 82 -17.91 6.60 11.06
N ARG B 83 -18.12 5.72 10.08
CA ARG B 83 -19.47 5.30 9.66
C ARG B 83 -19.50 3.79 9.71
N PRO B 84 -19.82 3.21 10.85
CA PRO B 84 -19.65 1.75 10.99
C PRO B 84 -20.51 0.97 10.03
N THR B 85 -21.76 1.37 9.82
CA THR B 85 -22.68 0.54 9.06
C THR B 85 -22.90 1.13 7.68
N PRO B 86 -22.82 0.31 6.62
CA PRO B 86 -22.43 -1.12 6.62
C PRO B 86 -20.91 -1.43 6.65
N ARG B 87 -20.49 -2.49 7.37
CA ARG B 87 -19.08 -2.86 7.51
C ARG B 87 -18.37 -2.93 6.17
N LEU B 88 -17.23 -2.26 6.04
CA LEU B 88 -16.35 -2.61 4.95
C LEU B 88 -15.25 -3.58 5.39
N LEU B 89 -15.19 -3.92 6.68
CA LEU B 89 -14.27 -4.93 7.20
C LEU B 89 -15.00 -5.89 8.11
N PRO B 90 -14.69 -7.19 8.04
CA PRO B 90 -15.29 -8.16 8.96
C PRO B 90 -14.84 -7.88 10.39
N GLN B 91 -15.54 -8.51 11.34
CA GLN B 91 -15.23 -8.25 12.73
C GLN B 91 -14.11 -9.15 13.23
N ASP B 92 -14.02 -10.37 12.70
CA ASP B 92 -12.98 -11.30 13.09
C ASP B 92 -11.63 -10.76 12.65
N PRO B 93 -10.69 -10.54 13.58
CA PRO B 93 -9.35 -10.05 13.18
C PRO B 93 -8.65 -10.91 12.15
N LYS B 94 -8.85 -12.23 12.16
CA LYS B 94 -8.17 -13.06 11.17
C LYS B 94 -8.67 -12.74 9.76
N LYS B 95 -9.96 -12.44 9.62
CA LYS B 95 -10.50 -12.14 8.32
C LYS B 95 -10.18 -10.72 7.89
N ARG B 96 -10.07 -9.79 8.85
CA ARG B 96 -9.60 -8.45 8.52
C ARG B 96 -8.23 -8.48 7.88
N ALA B 97 -7.39 -9.45 8.24
CA ALA B 97 -6.05 -9.52 7.65
C ALA B 97 -6.08 -9.95 6.19
N SER B 98 -6.99 -10.85 5.83
CA SER B 98 -7.10 -11.21 4.42
C SER B 98 -7.56 -10.01 3.59
N VAL B 99 -8.55 -9.27 4.08
CA VAL B 99 -8.97 -8.04 3.40
C VAL B 99 -7.77 -7.13 3.17
N ARG B 100 -7.00 -6.88 4.26
CA ARG B 100 -5.92 -5.90 4.21
C ARG B 100 -4.79 -6.37 3.32
N MET B 101 -4.47 -7.67 3.42
CA MET B 101 -3.49 -8.33 2.56
C MET B 101 -3.86 -8.21 1.08
N ILE B 102 -5.09 -8.53 0.74
CA ILE B 102 -5.54 -8.40 -0.65
C ILE B 102 -5.52 -6.94 -1.11
N SER B 103 -6.03 -6.04 -0.27
CA SER B 103 -6.07 -4.65 -0.69
C SER B 103 -4.66 -4.09 -0.88
N ASP B 104 -3.73 -4.43 0.02
CA ASP B 104 -2.37 -3.93 -0.11
C ASP B 104 -1.70 -4.53 -1.35
N LEU B 105 -1.98 -5.80 -1.64
CA LEU B 105 -1.42 -6.44 -2.82
C LEU B 105 -1.87 -5.73 -4.10
N ILE B 106 -3.16 -5.42 -4.21
CA ILE B 106 -3.60 -4.63 -5.36
C ILE B 106 -3.02 -3.22 -5.28
N ALA B 107 -3.21 -2.54 -4.14
CA ALA B 107 -2.92 -1.11 -4.08
C ALA B 107 -1.43 -0.82 -4.10
N GLY B 108 -0.63 -1.63 -3.42
CA GLY B 108 0.79 -1.40 -3.31
C GLY B 108 1.63 -2.37 -4.13
N GLY B 109 1.04 -3.50 -4.51
CA GLY B 109 1.80 -4.51 -5.24
C GLY B 109 1.52 -4.63 -6.72
N ILE B 110 0.31 -4.31 -7.18
CA ILE B 110 -0.05 -4.46 -8.59
C ILE B 110 -0.10 -3.12 -9.28
N GLN B 111 -0.92 -2.21 -8.79
CA GLN B 111 -1.09 -0.95 -9.50
C GLN B 111 0.20 -0.15 -9.57
N PRO B 112 1.07 -0.14 -8.55
CA PRO B 112 2.30 0.65 -8.68
C PRO B 112 3.19 0.22 -9.84
N LEU B 113 3.19 -1.05 -10.21
CA LEU B 113 3.99 -1.44 -11.38
C LEU B 113 3.37 -1.04 -12.72
N GLN B 114 2.14 -0.51 -12.78
CA GLN B 114 1.53 -0.13 -14.04
C GLN B 114 0.87 1.25 -14.07
N ASN B 115 1.12 2.12 -13.08
CA ASN B 115 0.45 3.40 -12.95
C ASN B 115 0.91 4.37 -14.05
N LEU B 116 0.25 5.52 -14.14
CA LEU B 116 0.53 6.39 -15.28
C LEU B 116 1.93 6.99 -15.20
N SER B 117 2.31 7.51 -14.03
CA SER B 117 3.68 8.00 -13.85
C SER B 117 4.68 6.85 -13.77
N VAL B 118 4.19 5.62 -13.66
CA VAL B 118 4.99 4.43 -13.92
C VAL B 118 5.48 4.39 -15.37
N LEU B 119 4.55 4.38 -16.34
CA LEU B 119 4.98 4.03 -17.68
C LEU B 119 5.19 5.25 -18.58
N LYS B 120 5.16 6.47 -18.00
CA LYS B 120 5.88 7.58 -18.62
C LYS B 120 7.35 7.20 -18.79
N GLN B 121 7.90 6.51 -17.80
CA GLN B 121 9.29 6.09 -17.76
C GLN B 121 9.63 4.88 -18.65
N VAL B 122 8.65 4.07 -18.98
CA VAL B 122 8.97 2.83 -19.69
C VAL B 122 9.52 3.10 -21.07
N GLY B 123 8.84 3.90 -21.87
CA GLY B 123 9.06 3.82 -23.31
C GLY B 123 7.87 3.21 -24.01
N GLU B 124 7.35 3.93 -25.01
CA GLU B 124 6.10 3.62 -25.70
C GLU B 124 5.90 2.13 -26.04
N GLU B 125 6.93 1.49 -26.57
CA GLU B 125 6.74 0.14 -27.09
C GLU B 125 6.51 -0.91 -25.99
N MET B 126 7.25 -0.86 -24.89
CA MET B 126 7.06 -1.91 -23.91
C MET B 126 6.14 -1.49 -22.77
N GLN B 127 5.52 -0.31 -22.86
CA GLN B 127 4.47 0.04 -21.91
C GLN B 127 3.50 -1.11 -21.77
N LEU B 128 2.95 -1.55 -22.89
CA LEU B 128 1.83 -2.47 -22.79
C LEU B 128 2.29 -3.86 -22.42
N THR B 129 3.47 -4.30 -22.86
CA THR B 129 3.90 -5.63 -22.45
C THR B 129 4.25 -5.65 -20.97
N TRP B 130 4.70 -4.51 -20.43
CA TRP B 130 5.06 -4.49 -19.02
C TRP B 130 3.84 -4.45 -18.11
N ALA B 131 2.85 -3.61 -18.44
CA ALA B 131 1.65 -3.55 -17.61
C ALA B 131 0.90 -4.87 -17.62
N GLN B 132 0.82 -5.51 -18.79
CA GLN B 132 0.21 -6.83 -18.86
C GLN B 132 0.95 -7.84 -17.99
N ASN B 133 2.29 -7.83 -18.05
CA ASN B 133 3.05 -8.77 -17.23
C ASN B 133 2.86 -8.48 -15.74
N ALA B 134 2.81 -7.20 -15.36
CA ALA B 134 2.58 -6.84 -13.97
C ALA B 134 1.23 -7.34 -13.47
N ILE B 135 0.17 -7.13 -14.27
CA ILE B 135 -1.16 -7.56 -13.84
C ILE B 135 -1.26 -9.08 -13.84
N THR B 136 -0.68 -9.74 -14.84
CA THR B 136 -0.74 -11.19 -14.87
C THR B 136 0.02 -11.81 -13.71
N CYS B 137 1.22 -11.29 -13.39
CA CYS B 137 1.94 -11.82 -12.23
C CYS B 137 1.24 -11.45 -10.93
N GLY B 138 0.57 -10.30 -10.89
CA GLY B 138 -0.18 -9.94 -9.70
C GLY B 138 -1.45 -10.76 -9.55
N PHE B 139 -2.22 -10.88 -10.65
CA PHE B 139 -3.44 -11.67 -10.59
C PHE B 139 -3.13 -13.16 -10.41
N ASN B 140 -1.99 -13.61 -10.92
CA ASN B 140 -1.57 -14.97 -10.59
C ASN B 140 -1.44 -15.13 -9.10
N ALA B 141 -0.88 -14.12 -8.43
CA ALA B 141 -0.81 -14.16 -6.98
C ALA B 141 -2.20 -14.05 -6.38
N LEU B 142 -2.98 -13.06 -6.85
CA LEU B 142 -4.28 -12.76 -6.27
C LEU B 142 -5.25 -13.91 -6.42
N GLU B 143 -5.31 -14.55 -7.59
CA GLU B 143 -6.28 -15.61 -7.75
C GLU B 143 -6.09 -16.66 -6.67
N GLN B 144 -4.84 -16.99 -6.35
CA GLN B 144 -4.61 -18.03 -5.36
C GLN B 144 -4.97 -17.64 -3.96
N ILE B 145 -4.78 -16.39 -3.60
CA ILE B 145 -5.30 -15.98 -2.32
C ILE B 145 -6.81 -16.13 -2.33
N LEU B 146 -7.47 -15.57 -3.36
CA LEU B 146 -8.93 -15.64 -3.43
C LEU B 146 -9.45 -17.07 -3.35
N GLN B 147 -8.66 -18.06 -3.72
CA GLN B 147 -9.17 -19.43 -3.69
C GLN B 147 -9.38 -19.98 -2.29
N SER B 148 -8.74 -19.43 -1.26
CA SER B 148 -9.11 -19.79 0.10
C SER B 148 -9.88 -18.70 0.84
N THR B 149 -9.65 -17.42 0.52
CA THR B 149 -10.39 -16.38 1.23
C THR B 149 -11.79 -16.14 0.65
N ALA B 150 -11.98 -16.32 -0.65
CA ALA B 150 -13.21 -15.85 -1.28
C ALA B 150 -14.40 -16.66 -0.83
N GLY B 151 -15.55 -16.00 -0.80
CA GLY B 151 -16.82 -16.69 -0.75
C GLY B 151 -17.61 -16.16 -1.91
N ILE B 152 -18.71 -15.48 -1.59
CA ILE B 152 -19.41 -14.73 -2.63
C ILE B 152 -18.52 -13.62 -3.17
N TYR B 153 -17.79 -12.96 -2.27
CA TYR B 153 -16.93 -11.83 -2.58
C TYR B 153 -15.50 -12.16 -2.17
N CYS B 154 -14.59 -11.18 -2.31
CA CYS B 154 -13.16 -11.48 -2.17
C CYS B 154 -12.82 -12.15 -0.87
N VAL B 155 -13.50 -11.76 0.20
CA VAL B 155 -13.32 -12.33 1.51
C VAL B 155 -14.70 -12.65 2.03
N GLY B 156 -15.04 -13.94 2.07
CA GLY B 156 -16.32 -14.31 2.63
C GLY B 156 -17.46 -13.85 1.73
N ASP B 157 -18.62 -13.67 2.33
CA ASP B 157 -19.86 -13.38 1.64
C ASP B 157 -20.35 -11.96 1.88
N GLU B 158 -19.49 -11.08 2.38
CA GLU B 158 -19.83 -9.66 2.48
C GLU B 158 -18.80 -8.86 1.69
N VAL B 159 -19.28 -7.79 1.06
CA VAL B 159 -18.39 -6.85 0.38
C VAL B 159 -17.43 -6.27 1.40
N THR B 160 -16.15 -6.21 1.05
CA THR B 160 -15.15 -5.63 1.93
C THR B 160 -14.28 -4.69 1.13
N MET B 161 -13.36 -4.01 1.83
CA MET B 161 -12.39 -3.15 1.21
C MET B 161 -11.62 -3.87 0.11
N ALA B 162 -11.47 -5.18 0.26
CA ALA B 162 -10.78 -5.95 -0.78
C ALA B 162 -11.50 -5.84 -2.12
N ASP B 163 -12.83 -5.92 -2.10
CA ASP B 163 -13.61 -5.82 -3.34
C ASP B 163 -13.53 -4.43 -3.98
N LEU B 164 -13.43 -3.38 -3.17
CA LEU B 164 -13.34 -2.03 -3.72
C LEU B 164 -12.06 -1.82 -4.48
N CYS B 165 -11.01 -2.60 -4.18
CA CYS B 165 -9.78 -2.50 -4.93
C CYS B 165 -9.76 -3.48 -6.09
N LEU B 166 -10.51 -4.57 -5.96
CA LEU B 166 -10.60 -5.54 -7.04
C LEU B 166 -11.20 -4.92 -8.29
N VAL B 167 -12.37 -4.33 -8.17
CA VAL B 167 -13.11 -3.86 -9.34
C VAL B 167 -12.25 -2.89 -10.17
N PRO B 168 -11.68 -1.82 -9.59
CA PRO B 168 -10.86 -0.94 -10.45
C PRO B 168 -9.62 -1.63 -10.96
N GLN B 169 -9.06 -2.57 -10.21
CA GLN B 169 -7.92 -3.27 -10.78
C GLN B 169 -8.36 -4.13 -11.96
N VAL B 170 -9.50 -4.80 -11.85
CA VAL B 170 -9.97 -5.58 -12.99
C VAL B 170 -10.23 -4.68 -14.18
N ALA B 171 -10.75 -3.46 -13.94
CA ALA B 171 -10.93 -2.54 -15.07
C ALA B 171 -9.61 -2.25 -15.75
N ASN B 172 -8.54 -2.11 -14.97
CA ASN B 172 -7.22 -1.91 -15.55
C ASN B 172 -6.81 -3.10 -16.41
N ALA B 173 -6.98 -4.32 -15.87
CA ALA B 173 -6.61 -5.50 -16.65
C ALA B 173 -7.34 -5.52 -17.99
N GLU B 174 -8.64 -5.24 -17.99
CA GLU B 174 -9.40 -5.23 -19.24
C GLU B 174 -8.93 -4.13 -20.18
N ARG B 175 -8.67 -2.93 -19.65
CA ARG B 175 -8.14 -1.89 -20.53
C ARG B 175 -6.85 -2.35 -21.19
N PHE B 176 -5.95 -2.99 -20.43
CA PHE B 176 -4.72 -3.49 -21.01
C PHE B 176 -4.90 -4.76 -21.80
N LYS B 177 -6.14 -5.14 -22.12
CA LYS B 177 -6.43 -6.37 -22.86
C LYS B 177 -5.72 -7.58 -22.28
N VAL B 178 -5.77 -7.71 -20.95
CA VAL B 178 -5.22 -8.88 -20.27
C VAL B 178 -6.30 -9.94 -20.17
N ASP B 179 -5.98 -11.15 -20.58
CA ASP B 179 -6.96 -12.21 -20.70
C ASP B 179 -7.24 -12.79 -19.32
N LEU B 180 -8.48 -12.63 -18.85
CA LEU B 180 -8.88 -13.11 -17.54
C LEU B 180 -9.29 -14.57 -17.51
N THR B 181 -9.20 -15.29 -18.62
CA THR B 181 -9.48 -16.72 -18.59
C THR B 181 -8.72 -17.47 -17.48
N PRO B 182 -7.42 -17.27 -17.26
CA PRO B 182 -6.77 -18.03 -16.18
C PRO B 182 -7.30 -17.71 -14.80
N TYR B 183 -8.08 -16.63 -14.62
CA TYR B 183 -8.45 -16.08 -13.31
C TYR B 183 -9.96 -16.13 -13.11
N PRO B 184 -10.52 -17.32 -12.88
CA PRO B 184 -11.99 -17.43 -12.79
C PRO B 184 -12.57 -16.87 -11.50
N THR B 185 -11.87 -16.99 -10.38
CA THR B 185 -12.37 -16.45 -9.13
C THR B 185 -12.45 -14.93 -9.19
N ILE B 186 -11.48 -14.30 -9.85
CA ILE B 186 -11.47 -12.85 -10.02
C ILE B 186 -12.63 -12.40 -10.90
N SER B 187 -12.78 -13.03 -12.07
CA SER B 187 -13.87 -12.69 -12.99
C SER B 187 -15.24 -12.87 -12.33
N SER B 188 -15.48 -14.04 -11.72
CA SER B 188 -16.76 -14.26 -11.05
C SER B 188 -17.03 -13.21 -9.99
N ILE B 189 -16.05 -12.95 -9.11
CA ILE B 189 -16.28 -11.97 -8.05
C ILE B 189 -16.52 -10.59 -8.65
N ASN B 190 -15.77 -10.27 -9.70
CA ASN B 190 -15.90 -8.98 -10.38
C ASN B 190 -17.30 -8.80 -10.95
N LYS B 191 -17.82 -9.85 -11.60
CA LYS B 191 -19.20 -9.77 -12.11
C LYS B 191 -20.21 -9.59 -10.98
N ARG B 192 -20.05 -10.34 -9.88
CA ARG B 192 -21.04 -10.24 -8.80
C ARG B 192 -21.06 -8.85 -8.20
N LEU B 193 -19.91 -8.17 -8.19
CA LEU B 193 -19.85 -6.82 -7.64
C LEU B 193 -20.35 -5.79 -8.65
N LEU B 194 -20.14 -6.07 -9.94
CA LEU B 194 -20.56 -5.14 -10.98
C LEU B 194 -22.07 -5.00 -11.06
N VAL B 195 -22.83 -5.95 -10.49
CA VAL B 195 -24.27 -5.81 -10.44
C VAL B 195 -24.73 -5.04 -9.20
N LEU B 196 -23.81 -4.68 -8.31
CA LEU B 196 -24.19 -3.91 -7.11
C LEU B 196 -24.20 -2.42 -7.43
N GLU B 197 -25.14 -1.71 -6.78
CA GLU B 197 -25.39 -0.32 -7.11
C GLU B 197 -24.16 0.55 -6.84
N ALA B 198 -23.51 0.33 -5.69
CA ALA B 198 -22.42 1.19 -5.30
C ALA B 198 -21.22 1.06 -6.21
N PHE B 199 -21.09 -0.09 -6.92
CA PHE B 199 -20.05 -0.22 -7.92
C PHE B 199 -20.47 0.34 -9.26
N GLN B 200 -21.72 0.80 -9.37
CA GLN B 200 -22.22 1.39 -10.61
C GLN B 200 -22.21 2.91 -10.53
N VAL B 201 -22.90 3.48 -9.54
CA VAL B 201 -22.98 4.93 -9.42
C VAL B 201 -21.62 5.57 -9.18
N SER B 202 -20.60 4.77 -8.88
CA SER B 202 -19.23 5.22 -8.75
C SER B 202 -18.41 4.98 -10.01
N HIS B 203 -18.93 4.14 -10.93
CA HIS B 203 -18.16 3.60 -12.06
C HIS B 203 -17.53 4.75 -12.81
N PRO B 204 -16.39 4.53 -13.47
CA PRO B 204 -15.84 5.62 -14.25
C PRO B 204 -16.91 6.25 -15.10
N CYS B 205 -17.53 5.55 -16.04
CA CYS B 205 -18.63 6.22 -16.75
C CYS B 205 -19.83 6.59 -15.90
N ARG B 206 -19.59 7.06 -14.65
CA ARG B 206 -20.63 7.74 -13.87
C ARG B 206 -20.10 8.80 -12.88
N GLN B 207 -19.02 9.53 -13.22
CA GLN B 207 -18.23 10.54 -12.47
C GLN B 207 -17.91 11.84 -13.20
N PRO B 208 -17.20 12.84 -12.56
CA PRO B 208 -17.29 14.23 -13.02
C PRO B 208 -16.31 14.72 -14.07
N ASP B 209 -15.04 14.31 -14.01
CA ASP B 209 -14.00 14.85 -14.88
C ASP B 209 -14.23 14.35 -16.32
N THR B 210 -15.10 15.07 -17.04
CA THR B 210 -15.92 14.50 -18.12
C THR B 210 -15.84 15.21 -19.47
N PRO B 211 -14.98 14.80 -20.37
CA PRO B 211 -15.24 15.10 -21.79
C PRO B 211 -16.19 14.10 -22.46
N THR B 212 -16.29 14.20 -23.79
CA THR B 212 -17.10 13.30 -24.62
C THR B 212 -16.59 11.86 -24.63
#